data_4OCW
#
_entry.id   4OCW
#
_cell.length_a   253.514
_cell.length_b   253.514
_cell.length_c   70.050
_cell.angle_alpha   90.00
_cell.angle_beta   90.00
_cell.angle_gamma   120.00
#
_symmetry.space_group_name_H-M   'H 3 2'
#
loop_
_entity.id
_entity.type
_entity.pdbx_description
1 polymer 'CAP256-VRC26.06 light chain'
2 polymer 'CAP256-VRC26.06 heavy chain'
#
loop_
_entity_poly.entity_id
_entity_poly.type
_entity_poly.pdbx_seq_one_letter_code
_entity_poly.pdbx_strand_id
1 'polypeptide(L)'
;QSVLTQPPSVSAAPGQKVTISCSGSTSKIGQNSVSWYQQLPGTAPKLLIYENDRRPSGTPDRFSGSKSGTSATLAITGLQ
TGDEAEYYCETWDGSGGVFGTGTKVTVLGQPKANPTVTLFPPSSEELQANKATLVCLISDFYPGAVTVAWKADSSPVKAG
VETTTPSKQSNNKYAASSYLSLTPEQWKSHRSYSCQVTHEGSTVEKTVAPTECS
;
L
2 'polypeptide(L)'
;EVQLIESGGGVVQPGRSLRLSCGASGFSFNNYGMHWVRQAPGKGLEWVAGISFAGIKKYYGTSVKGRFTISRDNSKNNFY
LQMNSLRVEDTALYYCARDLRELECEEWTL(TYS)N(TYS)YDFGSRGPCVDPRGVAGSFDVWGQGTMVTVSSASTKGPS
VFPLAPSSKSTSGGTAALGCLVKDYFPEPVTVSWNSGALTSGVHTFPAVLQSSGLYSLSSVVTVPSSSLGTQTYICNVNH
KPSNTKVDKKVEPKSCDKGLEVLFQ
;
H
#
# COMPACT_ATOMS: atom_id res chain seq x y z
N GLN A 1 -8.82 -11.67 6.26
CA GLN A 1 -7.57 -10.92 6.52
C GLN A 1 -7.27 -10.81 8.01
N SER A 2 -6.94 -11.94 8.64
CA SER A 2 -6.51 -11.94 10.03
C SER A 2 -5.05 -11.49 10.11
N VAL A 3 -4.73 -10.63 11.07
CA VAL A 3 -3.46 -9.90 11.06
C VAL A 3 -2.84 -9.72 12.44
N LEU A 4 -1.51 -9.65 12.46
CA LEU A 4 -0.76 -9.35 13.68
C LEU A 4 -0.53 -7.85 13.80
N THR A 5 -0.64 -7.31 15.01
CA THR A 5 -0.50 -5.87 15.20
C THR A 5 0.96 -5.46 15.37
N GLN A 6 1.34 -4.37 14.70
CA GLN A 6 2.65 -3.76 14.84
C GLN A 6 2.49 -2.26 15.01
N PRO A 7 3.55 -1.57 15.47
CA PRO A 7 3.51 -0.11 15.43
C PRO A 7 3.61 0.38 13.99
N PRO A 8 3.05 1.56 13.69
CA PRO A 8 3.09 2.06 12.32
C PRO A 8 4.50 2.42 11.84
N SER A 9 5.29 3.07 12.69
CA SER A 9 6.62 3.50 12.28
C SER A 9 7.53 3.88 13.45
N VAL A 10 8.82 3.66 13.26
CA VAL A 10 9.83 4.10 14.20
C VAL A 10 11.02 4.67 13.42
N SER A 11 11.76 5.58 14.06
CA SER A 11 12.87 6.23 13.36
C SER A 11 14.02 6.55 14.32
N ALA A 12 15.24 6.52 13.79
CA ALA A 12 16.45 6.75 14.57
C ALA A 12 17.59 7.19 13.67
N ALA A 13 18.64 7.74 14.28
CA ALA A 13 19.79 8.24 13.54
C ALA A 13 20.77 7.11 13.20
N PRO A 14 21.61 7.31 12.17
CA PRO A 14 22.61 6.30 11.79
C PRO A 14 23.43 5.80 12.97
N GLY A 15 23.41 4.48 13.19
CA GLY A 15 24.21 3.87 14.23
C GLY A 15 23.42 3.53 15.49
N GLN A 16 22.24 4.12 15.64
CA GLN A 16 21.41 3.89 16.81
C GLN A 16 20.72 2.52 16.76
N LYS A 17 20.13 2.12 17.87
CA LYS A 17 19.44 0.84 17.97
C LYS A 17 17.93 1.04 18.01
N VAL A 18 17.23 0.19 17.27
CA VAL A 18 15.77 0.21 17.23
C VAL A 18 15.20 -1.10 17.72
N THR A 19 13.94 -1.07 18.14
CA THR A 19 13.22 -2.28 18.51
C THR A 19 11.81 -2.23 17.93
N ILE A 20 11.39 -3.32 17.30
CA ILE A 20 10.06 -3.42 16.71
C ILE A 20 9.31 -4.55 17.38
N SER A 21 8.02 -4.36 17.64
CA SER A 21 7.23 -5.33 18.37
C SER A 21 6.10 -5.93 17.54
N CYS A 22 5.90 -7.23 17.68
CA CYS A 22 4.70 -7.90 17.20
C CYS A 22 3.85 -8.32 18.38
N SER A 23 2.58 -8.60 18.11
CA SER A 23 1.65 -9.03 19.16
C SER A 23 0.41 -9.61 18.50
N GLY A 24 -0.20 -10.60 19.14
CA GLY A 24 -1.39 -11.23 18.57
C GLY A 24 -2.02 -12.30 19.43
N SER A 25 -2.94 -13.04 18.82
CA SER A 25 -3.71 -14.07 19.52
C SER A 25 -2.86 -15.24 19.96
N THR A 26 -3.32 -15.93 21.00
CA THR A 26 -2.63 -17.09 21.54
C THR A 26 -2.77 -18.29 20.62
N SER A 27 -3.89 -18.33 19.88
CA SER A 27 -4.13 -19.40 18.91
C SER A 27 -3.36 -19.16 17.61
N LYS A 28 -2.44 -18.20 17.63
CA LYS A 28 -1.64 -17.86 16.47
C LYS A 28 -0.17 -17.76 16.85
N ILE A 29 0.18 -16.69 17.57
CA ILE A 29 1.57 -16.43 17.94
C ILE A 29 1.92 -17.12 19.27
N GLY A 30 0.92 -17.39 20.08
CA GLY A 30 1.14 -18.01 21.37
C GLY A 30 1.69 -19.43 21.27
N GLN A 31 1.52 -20.05 20.11
CA GLN A 31 1.83 -21.47 19.94
C GLN A 31 2.71 -21.76 18.72
N ASN A 32 3.14 -20.71 18.02
CA ASN A 32 3.94 -20.88 16.80
C ASN A 32 5.12 -19.92 16.71
N SER A 33 6.12 -20.29 15.92
CA SER A 33 7.30 -19.46 15.74
C SER A 33 6.97 -18.17 14.99
N VAL A 34 7.95 -17.28 14.91
CA VAL A 34 7.77 -15.98 14.26
C VAL A 34 8.92 -15.67 13.31
N SER A 35 8.59 -15.03 12.19
CA SER A 35 9.58 -14.65 11.19
C SER A 35 9.56 -13.14 10.97
N TRP A 36 10.64 -12.61 10.40
CA TRP A 36 10.73 -11.18 10.08
C TRP A 36 11.26 -10.98 8.67
N TYR A 37 10.67 -10.03 7.96
CA TYR A 37 11.07 -9.73 6.58
C TYR A 37 11.36 -8.26 6.38
N GLN A 38 12.29 -7.98 5.49
CA GLN A 38 12.66 -6.63 5.12
C GLN A 38 12.20 -6.32 3.71
N GLN A 39 11.42 -5.25 3.55
CA GLN A 39 10.97 -4.84 2.22
C GLN A 39 11.45 -3.42 1.91
N LEU A 40 12.57 -3.33 1.21
CA LEU A 40 13.05 -2.04 0.73
C LEU A 40 12.02 -1.48 -0.24
N PRO A 41 11.92 -0.15 -0.32
CA PRO A 41 10.89 0.45 -1.19
C PRO A 41 11.08 0.10 -2.66
N GLY A 42 10.03 -0.41 -3.30
CA GLY A 42 10.04 -0.70 -4.72
C GLY A 42 10.54 -2.10 -5.07
N THR A 43 10.85 -2.90 -4.05
CA THR A 43 11.34 -4.25 -4.28
C THR A 43 10.61 -5.26 -3.39
N ALA A 44 10.89 -6.54 -3.61
CA ALA A 44 10.21 -7.62 -2.91
C ALA A 44 10.74 -7.76 -1.48
N PRO A 45 9.95 -8.39 -0.60
CA PRO A 45 10.42 -8.66 0.76
C PRO A 45 11.66 -9.56 0.79
N LYS A 46 12.25 -9.69 1.98
CA LYS A 46 13.45 -10.48 2.17
C LYS A 46 13.52 -10.97 3.60
N LEU A 47 13.64 -12.29 3.78
CA LEU A 47 13.67 -12.89 5.11
C LEU A 47 14.87 -12.42 5.93
N LEU A 48 14.61 -11.94 7.14
CA LEU A 48 15.67 -11.49 8.06
C LEU A 48 15.85 -12.48 9.21
N ILE A 49 14.72 -12.94 9.74
CA ILE A 49 14.72 -13.81 10.93
C ILE A 49 13.67 -14.90 10.77
N TYR A 50 14.00 -16.11 11.18
CA TYR A 50 13.04 -17.21 11.23
C TYR A 50 13.24 -18.00 12.51
N GLU A 51 12.24 -18.82 12.87
CA GLU A 51 12.25 -19.54 14.13
C GLU A 51 12.58 -18.60 15.29
N ASN A 52 11.87 -17.47 15.32
CA ASN A 52 11.95 -16.49 16.40
C ASN A 52 13.28 -15.74 16.51
N ASP A 53 14.40 -16.43 16.35
CA ASP A 53 15.70 -15.82 16.61
C ASP A 53 16.86 -16.42 15.82
N ARG A 54 16.58 -16.88 14.60
CA ARG A 54 17.63 -17.43 13.75
C ARG A 54 17.85 -16.58 12.53
N ARG A 55 19.12 -16.31 12.24
CA ARG A 55 19.49 -15.51 11.09
C ARG A 55 19.93 -16.41 9.92
N PRO A 56 19.32 -16.22 8.74
CA PRO A 56 19.82 -16.83 7.50
C PRO A 56 21.23 -16.40 7.08
N SER A 57 22.01 -17.37 6.60
CA SER A 57 23.30 -17.11 5.95
C SER A 57 23.19 -15.95 4.95
N GLY A 58 23.39 -14.73 5.45
CA GLY A 58 23.29 -13.55 4.60
C GLY A 58 22.76 -12.31 5.30
N THR A 59 22.29 -12.45 6.54
CA THR A 59 21.88 -11.27 7.31
C THR A 59 22.83 -11.03 8.49
N PRO A 60 23.27 -9.78 8.71
CA PRO A 60 24.29 -9.52 9.73
C PRO A 60 23.92 -9.78 11.18
N ASP A 61 24.95 -9.74 12.03
CA ASP A 61 24.84 -9.86 13.49
C ASP A 61 23.95 -8.76 14.06
N ARG A 62 23.83 -7.67 13.31
CA ARG A 62 23.13 -6.47 13.75
C ARG A 62 21.65 -6.74 14.01
N PHE A 63 21.05 -7.60 13.19
CA PHE A 63 19.65 -7.94 13.34
C PHE A 63 19.48 -9.08 14.34
N SER A 64 18.44 -9.00 15.18
CA SER A 64 18.20 -10.02 16.19
C SER A 64 16.72 -10.09 16.55
N GLY A 65 16.28 -11.29 16.94
CA GLY A 65 14.89 -11.53 17.28
C GLY A 65 14.72 -12.20 18.62
N SER A 66 13.57 -12.00 19.24
CA SER A 66 13.27 -12.61 20.54
C SER A 66 11.77 -12.65 20.77
N LYS A 67 11.27 -13.83 21.15
CA LYS A 67 9.85 -14.02 21.44
C LYS A 67 9.63 -14.42 22.89
N SER A 68 8.51 -13.96 23.45
CA SER A 68 8.12 -14.34 24.80
C SER A 68 6.62 -14.18 24.97
N GLY A 69 5.94 -15.30 25.16
CA GLY A 69 4.49 -15.30 25.33
C GLY A 69 3.77 -14.99 24.03
N THR A 70 2.90 -13.99 24.06
CA THR A 70 2.11 -13.61 22.89
C THR A 70 2.70 -12.39 22.20
N SER A 71 3.99 -12.14 22.44
CA SER A 71 4.67 -10.99 21.84
C SER A 71 6.01 -11.40 21.26
N ALA A 72 6.45 -10.66 20.24
CA ALA A 72 7.73 -10.91 19.60
C ALA A 72 8.42 -9.57 19.32
N THR A 73 9.73 -9.61 19.14
CA THR A 73 10.51 -8.39 19.01
C THR A 73 11.68 -8.52 18.03
N LEU A 74 11.78 -7.57 17.11
CA LEU A 74 12.93 -7.46 16.21
C LEU A 74 13.78 -6.27 16.64
N ALA A 75 15.10 -6.44 16.59
CA ALA A 75 16.02 -5.38 17.00
C ALA A 75 17.16 -5.21 16.00
N ILE A 76 17.46 -3.96 15.67
CA ILE A 76 18.53 -3.63 14.74
C ILE A 76 19.52 -2.66 15.38
N THR A 77 20.76 -3.10 15.57
CA THR A 77 21.82 -2.25 16.12
C THR A 77 22.65 -1.67 14.99
N GLY A 78 23.31 -0.55 15.26
CA GLY A 78 24.21 0.07 14.30
C GLY A 78 23.56 0.30 12.95
N LEU A 79 22.43 1.01 12.97
CA LEU A 79 21.67 1.29 11.75
C LEU A 79 22.52 1.88 10.64
N GLN A 80 22.38 1.30 9.45
CA GLN A 80 22.96 1.89 8.24
C GLN A 80 21.82 2.45 7.39
N THR A 81 22.16 3.30 6.42
CA THR A 81 21.15 3.92 5.57
C THR A 81 20.33 2.87 4.81
N GLY A 82 20.98 1.76 4.46
CA GLY A 82 20.34 0.72 3.68
C GLY A 82 19.45 -0.19 4.51
N ASP A 83 19.16 0.21 5.74
CA ASP A 83 18.24 -0.53 6.60
C ASP A 83 16.85 0.10 6.56
N GLU A 84 16.70 1.18 5.80
CA GLU A 84 15.42 1.85 5.68
C GLU A 84 14.46 1.02 4.84
N ALA A 85 13.37 0.58 5.47
CA ALA A 85 12.41 -0.30 4.82
C ALA A 85 11.19 -0.52 5.70
N GLU A 86 10.26 -1.35 5.23
CA GLU A 86 9.17 -1.83 6.06
C GLU A 86 9.52 -3.20 6.61
N TYR A 87 9.10 -3.47 7.85
CA TYR A 87 9.40 -4.74 8.50
C TYR A 87 8.11 -5.44 8.91
N TYR A 88 7.92 -6.62 8.36
CA TYR A 88 6.72 -7.42 8.63
C TYR A 88 7.05 -8.63 9.48
N CYS A 89 6.24 -8.86 10.50
CA CYS A 89 6.30 -10.09 11.28
C CYS A 89 5.33 -11.09 10.70
N GLU A 90 5.59 -12.37 10.89
CA GLU A 90 4.74 -13.41 10.33
C GLU A 90 4.81 -14.71 11.11
N THR A 91 3.69 -15.43 11.13
CA THR A 91 3.62 -16.72 11.80
C THR A 91 2.78 -17.72 11.00
N TRP A 92 3.04 -18.99 11.26
CA TRP A 92 2.34 -20.09 10.60
C TRP A 92 1.70 -20.98 11.65
N ASP A 93 0.38 -21.19 11.54
CA ASP A 93 -0.37 -21.90 12.57
C ASP A 93 -1.13 -23.10 12.01
N GLY A 94 -0.50 -23.82 11.07
CA GLY A 94 -1.12 -24.97 10.45
C GLY A 94 -1.66 -24.63 9.07
N SER A 95 -2.83 -24.01 9.03
CA SER A 95 -3.33 -23.42 7.78
C SER A 95 -2.45 -22.22 7.47
N GLY A 96 -2.14 -21.45 8.51
CA GLY A 96 -1.06 -20.47 8.50
C GLY A 96 -1.14 -19.34 7.51
N GLY A 97 -0.14 -18.47 7.58
CA GLY A 97 -0.06 -17.30 6.72
C GLY A 97 -0.68 -16.08 7.37
N VAL A 98 0.05 -15.48 8.31
CA VAL A 98 -0.44 -14.33 9.06
C VAL A 98 0.66 -13.29 9.20
N PHE A 99 0.52 -12.17 8.48
CA PHE A 99 1.53 -11.12 8.48
C PHE A 99 1.22 -9.99 9.46
N GLY A 100 2.19 -9.10 9.64
CA GLY A 100 2.01 -7.90 10.43
C GLY A 100 1.47 -6.77 9.57
N THR A 101 1.39 -5.56 10.14
CA THR A 101 0.69 -4.46 9.47
C THR A 101 1.46 -3.70 8.37
N GLY A 102 2.77 -3.43 8.48
CA GLY A 102 3.61 -3.68 9.64
C GLY A 102 4.23 -2.37 10.06
N THR A 103 5.56 -2.31 10.05
CA THR A 103 6.30 -1.16 10.58
C THR A 103 7.35 -0.63 9.62
N LYS A 104 7.35 0.68 9.37
CA LYS A 104 8.41 1.30 8.60
C LYS A 104 9.51 1.85 9.52
N VAL A 105 10.74 1.47 9.22
CA VAL A 105 11.91 1.97 9.93
C VAL A 105 12.61 3.01 9.08
N THR A 106 12.62 4.26 9.55
CA THR A 106 13.28 5.34 8.84
C THR A 106 14.63 5.67 9.48
N VAL A 107 15.66 5.70 8.64
CA VAL A 107 16.99 6.11 9.06
C VAL A 107 17.19 7.56 8.64
N LEU A 108 17.09 8.47 9.60
CA LEU A 108 17.05 9.91 9.32
C LEU A 108 18.21 10.38 8.46
N GLY A 109 17.88 11.01 7.35
CA GLY A 109 18.87 11.58 6.44
C GLY A 109 18.66 13.07 6.27
N GLN A 110 17.78 13.64 7.09
CA GLN A 110 17.48 15.05 7.05
C GLN A 110 16.68 15.43 8.28
N PRO A 111 16.55 16.74 8.56
CA PRO A 111 15.80 17.18 9.73
C PRO A 111 14.33 16.74 9.71
N LYS A 112 13.82 16.32 10.86
CA LYS A 112 12.41 16.00 10.98
C LYS A 112 11.56 17.20 10.59
N ALA A 113 10.50 16.96 9.83
CA ALA A 113 9.60 18.01 9.39
C ALA A 113 8.16 17.64 9.74
N ASN A 114 7.45 18.59 10.35
CA ASN A 114 6.05 18.36 10.69
C ASN A 114 5.16 18.58 9.47
N PRO A 115 4.11 17.73 9.33
CA PRO A 115 3.25 17.84 8.14
C PRO A 115 2.32 19.03 8.19
N THR A 116 2.17 19.70 7.04
CA THR A 116 1.14 20.71 6.87
C THR A 116 -0.08 20.03 6.28
N VAL A 117 -1.13 19.89 7.08
CA VAL A 117 -2.34 19.21 6.65
C VAL A 117 -3.37 20.19 6.08
N THR A 118 -3.81 19.92 4.85
CA THR A 118 -4.84 20.74 4.21
C THR A 118 -6.04 19.88 3.84
N LEU A 119 -7.20 20.25 4.39
CA LEU A 119 -8.43 19.50 4.15
C LEU A 119 -9.39 20.31 3.28
N PHE A 120 -9.84 19.71 2.19
CA PHE A 120 -10.75 20.35 1.27
C PHE A 120 -12.14 19.72 1.35
N PRO A 121 -13.19 20.57 1.41
CA PRO A 121 -14.56 20.04 1.34
C PRO A 121 -14.94 19.72 -0.11
N PRO A 122 -16.10 19.10 -0.32
CA PRO A 122 -16.50 18.85 -1.70
C PRO A 122 -16.89 20.15 -2.39
N SER A 123 -16.54 20.29 -3.66
CA SER A 123 -16.93 21.46 -4.43
C SER A 123 -18.43 21.42 -4.73
N SER A 124 -19.06 22.60 -4.74
CA SER A 124 -20.47 22.71 -5.08
C SER A 124 -20.72 22.12 -6.46
N GLU A 125 -19.72 22.20 -7.31
CA GLU A 125 -19.76 21.63 -8.65
C GLU A 125 -19.94 20.11 -8.55
N GLU A 126 -19.17 19.49 -7.67
CA GLU A 126 -19.25 18.04 -7.46
C GLU A 126 -20.56 17.66 -6.81
N LEU A 127 -21.05 18.52 -5.91
CA LEU A 127 -22.30 18.27 -5.22
C LEU A 127 -23.48 18.36 -6.17
N GLN A 128 -23.34 19.16 -7.22
CA GLN A 128 -24.35 19.24 -8.25
C GLN A 128 -24.41 17.93 -9.03
N ALA A 129 -23.31 17.19 -9.01
CA ALA A 129 -23.24 15.87 -9.62
C ALA A 129 -23.71 14.79 -8.65
N ASN A 130 -24.45 15.20 -7.62
CA ASN A 130 -25.00 14.28 -6.62
C ASN A 130 -23.94 13.36 -6.03
N LYS A 131 -22.75 13.90 -5.82
CA LYS A 131 -21.65 13.16 -5.21
C LYS A 131 -20.78 14.10 -4.38
N ALA A 132 -19.99 13.54 -3.47
CA ALA A 132 -19.13 14.34 -2.60
C ALA A 132 -17.84 13.61 -2.26
N THR A 133 -16.76 14.37 -2.18
CA THR A 133 -15.44 13.81 -1.86
C THR A 133 -14.62 14.80 -1.04
N LEU A 134 -14.23 14.36 0.16
CA LEU A 134 -13.36 15.15 1.02
C LEU A 134 -11.90 14.78 0.76
N VAL A 135 -11.09 15.78 0.45
CA VAL A 135 -9.69 15.56 0.09
C VAL A 135 -8.74 16.13 1.14
N CYS A 136 -8.11 15.23 1.90
CA CYS A 136 -7.10 15.61 2.88
C CYS A 136 -5.71 15.43 2.31
N LEU A 137 -4.97 16.53 2.20
CA LEU A 137 -3.62 16.50 1.65
C LEU A 137 -2.57 16.78 2.73
N ILE A 138 -1.60 15.88 2.85
CA ILE A 138 -0.52 16.01 3.82
C ILE A 138 0.78 16.36 3.11
N SER A 139 1.42 17.46 3.49
CA SER A 139 2.60 17.96 2.78
C SER A 139 3.77 18.33 3.70
N ASP A 140 4.97 18.31 3.12
CA ASP A 140 6.19 18.76 3.80
C ASP A 140 6.44 18.07 5.13
N PHE A 141 6.67 16.76 5.11
CA PHE A 141 6.96 16.03 6.33
C PHE A 141 8.02 14.95 6.16
N TYR A 142 8.79 14.75 7.22
CA TYR A 142 9.82 13.73 7.29
C TYR A 142 9.99 13.33 8.75
N PRO A 143 10.15 12.02 9.05
CA PRO A 143 10.19 10.86 8.15
C PRO A 143 8.89 10.60 7.39
N GLY A 144 9.00 9.93 6.24
CA GLY A 144 7.87 9.76 5.35
C GLY A 144 6.95 8.62 5.73
N ALA A 145 6.26 8.79 6.86
CA ALA A 145 5.28 7.80 7.32
C ALA A 145 4.20 8.50 8.14
N VAL A 146 2.94 8.24 7.79
CA VAL A 146 1.82 8.86 8.49
C VAL A 146 0.70 7.86 8.72
N THR A 147 -0.37 8.33 9.35
CA THR A 147 -1.53 7.52 9.61
C THR A 147 -2.76 8.42 9.63
N VAL A 148 -3.56 8.35 8.57
CA VAL A 148 -4.73 9.20 8.45
C VAL A 148 -5.96 8.49 9.02
N ALA A 149 -6.85 9.27 9.60
CA ALA A 149 -8.11 8.76 10.12
C ALA A 149 -9.19 9.82 10.00
N TRP A 150 -10.37 9.42 9.53
CA TRP A 150 -11.48 10.34 9.36
C TRP A 150 -12.50 10.18 10.48
N LYS A 151 -13.24 11.25 10.77
CA LYS A 151 -14.28 11.21 11.78
C LYS A 151 -15.49 12.04 11.37
N ALA A 152 -16.66 11.58 11.78
CA ALA A 152 -17.91 12.29 11.54
C ALA A 152 -18.55 12.65 12.88
N ASP A 153 -18.57 13.94 13.19
CA ASP A 153 -19.02 14.41 14.50
C ASP A 153 -18.25 13.69 15.60
N SER A 154 -16.94 13.59 15.40
CA SER A 154 -16.04 12.96 16.38
C SER A 154 -16.32 11.47 16.54
N SER A 155 -16.93 10.86 15.53
CA SER A 155 -17.15 9.42 15.50
C SER A 155 -16.34 8.80 14.35
N PRO A 156 -15.60 7.71 14.61
CA PRO A 156 -14.74 7.12 13.58
C PRO A 156 -15.45 6.79 12.27
N VAL A 157 -14.71 6.89 11.17
CA VAL A 157 -15.20 6.51 9.85
C VAL A 157 -14.15 5.63 9.18
N LYS A 158 -14.60 4.54 8.56
CA LYS A 158 -13.69 3.57 7.97
C LYS A 158 -14.05 3.24 6.52
N ALA A 159 -15.35 3.24 6.22
CA ALA A 159 -15.83 2.91 4.88
C ALA A 159 -15.86 4.13 3.98
N GLY A 160 -15.40 3.96 2.75
CA GLY A 160 -15.37 5.03 1.77
C GLY A 160 -14.06 5.79 1.78
N VAL A 161 -13.04 5.19 2.41
CA VAL A 161 -11.73 5.84 2.54
C VAL A 161 -10.70 5.18 1.64
N GLU A 162 -9.83 5.99 1.05
CA GLU A 162 -8.67 5.51 0.33
C GLU A 162 -7.50 6.45 0.57
N THR A 163 -6.37 5.88 0.99
CA THR A 163 -5.19 6.67 1.37
C THR A 163 -3.96 6.24 0.58
N THR A 164 -3.31 7.19 -0.08
CA THR A 164 -2.06 6.92 -0.77
C THR A 164 -0.90 6.88 0.22
N THR A 165 0.10 6.05 -0.06
CA THR A 165 1.30 6.02 0.78
C THR A 165 2.18 7.21 0.42
N PRO A 166 2.94 7.73 1.40
CA PRO A 166 3.76 8.93 1.19
C PRO A 166 4.78 8.79 0.07
N SER A 167 4.87 9.83 -0.75
CA SER A 167 5.77 9.85 -1.90
C SER A 167 6.68 11.08 -1.85
N LYS A 168 7.89 10.93 -2.36
CA LYS A 168 8.88 12.01 -2.34
C LYS A 168 8.42 13.23 -3.12
N GLN A 169 8.67 14.41 -2.56
CA GLN A 169 8.42 15.68 -3.24
C GLN A 169 9.69 16.13 -3.95
N SER A 170 9.61 17.28 -4.62
CA SER A 170 10.76 17.83 -5.32
C SER A 170 11.81 18.33 -4.32
N ASN A 171 11.36 18.74 -3.15
CA ASN A 171 12.26 19.20 -2.09
C ASN A 171 12.71 18.06 -1.18
N ASN A 172 12.59 16.83 -1.68
CA ASN A 172 13.04 15.64 -0.98
C ASN A 172 12.29 15.35 0.33
N LYS A 173 11.24 16.12 0.61
CA LYS A 173 10.34 15.79 1.71
C LYS A 173 9.22 14.91 1.16
N TYR A 174 8.31 14.49 2.03
CA TYR A 174 7.24 13.59 1.62
C TYR A 174 5.88 14.28 1.61
N ALA A 175 4.96 13.71 0.83
CA ALA A 175 3.59 14.17 0.80
C ALA A 175 2.67 12.97 0.65
N ALA A 176 1.45 13.08 1.16
CA ALA A 176 0.47 12.02 1.04
C ALA A 176 -0.94 12.60 0.87
N SER A 177 -1.90 11.74 0.57
CA SER A 177 -3.27 12.17 0.33
C SER A 177 -4.26 11.14 0.84
N SER A 178 -5.45 11.60 1.20
CA SER A 178 -6.52 10.72 1.65
C SER A 178 -7.85 11.25 1.18
N TYR A 179 -8.73 10.35 0.76
CA TYR A 179 -10.03 10.73 0.24
C TYR A 179 -11.15 10.03 1.01
N LEU A 180 -12.11 10.82 1.47
CA LEU A 180 -13.34 10.29 2.04
C LEU A 180 -14.50 10.58 1.08
N SER A 181 -15.05 9.52 0.50
CA SER A 181 -16.14 9.66 -0.46
C SER A 181 -17.50 9.56 0.23
N LEU A 182 -18.28 10.63 0.13
CA LEU A 182 -19.61 10.69 0.73
C LEU A 182 -20.68 10.87 -0.34
N THR A 183 -21.93 10.73 0.08
CA THR A 183 -23.07 11.20 -0.69
C THR A 183 -23.39 12.59 -0.17
N PRO A 184 -24.01 13.44 -1.00
CA PRO A 184 -24.33 14.80 -0.53
C PRO A 184 -25.20 14.79 0.73
N GLU A 185 -25.96 13.72 0.93
CA GLU A 185 -26.81 13.60 2.10
C GLU A 185 -25.97 13.52 3.37
N GLN A 186 -25.00 12.60 3.38
CA GLN A 186 -24.09 12.43 4.51
C GLN A 186 -23.36 13.73 4.82
N TRP A 187 -22.85 14.37 3.78
CA TRP A 187 -22.10 15.61 3.91
C TRP A 187 -22.91 16.69 4.63
N LYS A 188 -24.17 16.84 4.23
CA LYS A 188 -25.02 17.89 4.76
C LYS A 188 -25.67 17.50 6.09
N SER A 189 -25.83 16.20 6.32
CA SER A 189 -26.53 15.70 7.50
C SER A 189 -25.58 15.48 8.68
N HIS A 190 -24.40 16.10 8.62
CA HIS A 190 -23.45 16.06 9.72
C HIS A 190 -23.01 17.46 10.10
N ARG A 191 -22.64 17.65 11.35
CA ARG A 191 -22.19 18.95 11.83
C ARG A 191 -20.76 19.24 11.35
N SER A 192 -19.95 18.19 11.23
CA SER A 192 -18.54 18.35 10.90
C SER A 192 -17.87 17.04 10.55
N TYR A 193 -16.91 17.13 9.62
CA TYR A 193 -16.01 16.02 9.31
C TYR A 193 -14.59 16.49 9.63
N SER A 194 -13.72 15.55 9.97
CA SER A 194 -12.35 15.90 10.34
C SER A 194 -11.33 14.86 9.89
N CYS A 195 -10.20 15.35 9.40
CA CYS A 195 -9.10 14.52 8.94
C CYS A 195 -7.96 14.53 9.95
N GLN A 196 -7.71 13.40 10.58
CA GLN A 196 -6.71 13.28 11.64
C GLN A 196 -5.44 12.57 11.18
N VAL A 197 -4.38 13.35 10.97
CA VAL A 197 -3.10 12.83 10.51
C VAL A 197 -2.13 12.62 11.67
N THR A 198 -1.60 11.42 11.81
CA THR A 198 -0.61 11.10 12.84
C THR A 198 0.78 10.98 12.23
N HIS A 199 1.74 11.69 12.81
CA HIS A 199 3.12 11.67 12.34
C HIS A 199 4.09 11.78 13.50
N GLU A 200 4.84 10.70 13.74
CA GLU A 200 5.82 10.65 14.84
C GLU A 200 5.17 10.96 16.19
N GLY A 201 4.09 10.25 16.50
CA GLY A 201 3.43 10.40 17.78
C GLY A 201 2.50 11.59 17.86
N SER A 202 2.83 12.65 17.14
CA SER A 202 2.00 13.85 17.09
C SER A 202 0.82 13.61 16.15
N THR A 203 -0.31 14.25 16.43
CA THR A 203 -1.49 14.13 15.58
C THR A 203 -2.10 15.49 15.26
N VAL A 204 -2.16 15.81 13.97
CA VAL A 204 -2.84 17.01 13.48
C VAL A 204 -4.26 16.67 13.05
N GLU A 205 -5.20 17.58 13.29
CA GLU A 205 -6.59 17.35 12.94
C GLU A 205 -7.24 18.62 12.37
N LYS A 206 -7.46 18.62 11.06
CA LYS A 206 -8.21 19.69 10.40
C LYS A 206 -9.68 19.32 10.33
N THR A 207 -10.55 20.31 10.20
CA THR A 207 -12.00 20.08 10.17
C THR A 207 -12.69 20.90 9.08
N VAL A 208 -13.80 20.36 8.57
CA VAL A 208 -14.62 21.06 7.58
C VAL A 208 -16.09 20.77 7.80
N ALA A 209 -16.93 21.74 7.45
CA ALA A 209 -18.37 21.60 7.58
C ALA A 209 -19.08 22.17 6.35
N PRO A 210 -20.36 21.82 6.15
CA PRO A 210 -21.13 22.38 5.03
C PRO A 210 -21.20 23.90 5.07
N THR A 211 -20.83 24.53 3.95
CA THR A 211 -20.82 25.99 3.79
C THR A 211 -20.41 26.75 5.06
N GLU B 1 22.47 -18.79 -9.81
CA GLU B 1 21.79 -17.73 -9.06
C GLU B 1 20.32 -18.04 -8.87
N VAL B 2 19.87 -17.97 -7.62
CA VAL B 2 18.48 -18.26 -7.27
C VAL B 2 17.54 -17.20 -7.84
N GLN B 3 16.53 -17.65 -8.57
CA GLN B 3 15.55 -16.74 -9.17
C GLN B 3 14.14 -17.32 -9.15
N LEU B 4 13.17 -16.46 -8.84
CA LEU B 4 11.76 -16.76 -9.02
C LEU B 4 11.16 -15.66 -9.89
N ILE B 5 10.46 -16.05 -10.95
CA ILE B 5 9.85 -15.08 -11.85
C ILE B 5 8.38 -15.40 -12.07
N GLU B 6 7.53 -14.40 -11.90
CA GLU B 6 6.09 -14.55 -12.07
C GLU B 6 5.63 -14.05 -13.44
N SER B 7 4.43 -14.46 -13.83
CA SER B 7 3.84 -14.02 -15.09
C SER B 7 2.36 -14.37 -15.13
N GLY B 8 1.61 -13.69 -16.00
CA GLY B 8 0.19 -13.91 -16.14
C GLY B 8 -0.63 -12.70 -15.74
N GLY B 9 -0.01 -11.79 -14.97
CA GLY B 9 -0.68 -10.59 -14.51
C GLY B 9 -1.23 -9.72 -15.62
N GLY B 10 -2.08 -8.78 -15.25
CA GLY B 10 -2.70 -7.88 -16.21
C GLY B 10 -4.03 -7.37 -15.70
N VAL B 11 -4.73 -6.58 -16.51
CA VAL B 11 -6.04 -6.07 -16.15
C VAL B 11 -7.10 -7.09 -16.55
N VAL B 12 -8.05 -7.34 -15.65
CA VAL B 12 -9.06 -8.37 -15.87
C VAL B 12 -10.38 -8.01 -15.20
N GLN B 13 -11.49 -8.34 -15.84
CA GLN B 13 -12.80 -7.99 -15.32
C GLN B 13 -13.20 -8.93 -14.17
N PRO B 14 -13.91 -8.39 -13.16
CA PRO B 14 -14.33 -9.24 -12.04
C PRO B 14 -15.26 -10.36 -12.50
N GLY B 15 -15.30 -11.44 -11.74
CA GLY B 15 -16.09 -12.61 -12.11
C GLY B 15 -15.28 -13.57 -12.97
N ARG B 16 -14.39 -13.02 -13.80
CA ARG B 16 -13.56 -13.83 -14.68
C ARG B 16 -12.45 -14.52 -13.89
N SER B 17 -11.62 -15.28 -14.59
CA SER B 17 -10.55 -16.06 -13.98
C SER B 17 -9.20 -15.72 -14.58
N LEU B 18 -8.13 -16.09 -13.89
CA LEU B 18 -6.78 -15.78 -14.33
C LEU B 18 -5.75 -16.70 -13.67
N ARG B 19 -4.81 -17.19 -14.47
CA ARG B 19 -3.78 -18.11 -13.99
C ARG B 19 -2.39 -17.46 -13.98
N LEU B 20 -1.78 -17.40 -12.80
CA LEU B 20 -0.42 -16.90 -12.67
C LEU B 20 0.55 -18.08 -12.71
N SER B 21 1.78 -17.81 -13.14
CA SER B 21 2.78 -18.86 -13.31
C SER B 21 4.13 -18.43 -12.75
N CYS B 22 4.63 -19.21 -11.79
CA CYS B 22 5.91 -18.93 -11.14
C CYS B 22 6.98 -19.93 -11.56
N GLY B 23 8.03 -19.43 -12.21
CA GLY B 23 9.13 -20.26 -12.67
C GLY B 23 10.32 -20.19 -11.72
N ALA B 24 10.79 -21.35 -11.28
CA ALA B 24 11.86 -21.44 -10.29
C ALA B 24 13.17 -21.90 -10.91
N SER B 25 14.29 -21.41 -10.38
CA SER B 25 15.60 -21.75 -10.89
C SER B 25 16.69 -21.46 -9.85
N GLY B 26 17.86 -22.06 -10.05
CA GLY B 26 19.00 -21.82 -9.19
C GLY B 26 19.04 -22.74 -7.97
N PHE B 27 18.12 -23.69 -7.91
CA PHE B 27 18.07 -24.63 -6.79
C PHE B 27 17.20 -25.83 -7.14
N SER B 28 17.13 -26.79 -6.22
CA SER B 28 16.29 -27.97 -6.41
C SER B 28 14.84 -27.62 -6.08
N PHE B 29 14.07 -27.36 -7.14
CA PHE B 29 12.68 -26.94 -7.00
C PHE B 29 11.84 -27.99 -6.28
N ASN B 30 12.17 -29.26 -6.50
CA ASN B 30 11.37 -30.35 -5.97
C ASN B 30 11.69 -30.67 -4.51
N ASN B 31 12.51 -29.85 -3.86
CA ASN B 31 12.86 -30.04 -2.45
C ASN B 31 12.24 -29.01 -1.52
N TYR B 32 11.54 -28.03 -2.10
CA TYR B 32 10.97 -26.93 -1.31
C TYR B 32 9.48 -26.77 -1.55
N GLY B 33 8.79 -26.25 -0.54
CA GLY B 33 7.41 -25.83 -0.69
C GLY B 33 7.35 -24.50 -1.42
N MET B 34 6.16 -24.05 -1.74
CA MET B 34 5.99 -22.78 -2.46
C MET B 34 4.75 -22.05 -1.97
N HIS B 35 4.80 -20.72 -2.02
CA HIS B 35 3.70 -19.88 -1.53
C HIS B 35 3.39 -18.75 -2.49
N TRP B 36 2.16 -18.27 -2.44
CA TRP B 36 1.76 -17.02 -3.07
C TRP B 36 1.42 -15.99 -2.01
N VAL B 37 2.14 -14.87 -2.04
CA VAL B 37 1.89 -13.75 -1.15
C VAL B 37 1.58 -12.52 -1.99
N ARG B 38 0.45 -11.88 -1.72
CA ARG B 38 0.06 -10.70 -2.49
C ARG B 38 0.18 -9.44 -1.65
N GLN B 39 0.13 -8.30 -2.31
CA GLN B 39 0.32 -7.01 -1.65
C GLN B 39 -0.39 -5.90 -2.40
N ALA B 40 -1.53 -5.47 -1.86
CA ALA B 40 -2.21 -4.30 -2.38
C ALA B 40 -1.32 -3.08 -2.16
N PRO B 41 -0.95 -2.37 -3.23
CA PRO B 41 0.07 -1.32 -3.08
C PRO B 41 -0.48 -0.05 -2.41
N GLY B 42 0.06 0.42 -1.28
CA GLY B 42 1.10 -0.24 -0.50
C GLY B 42 0.54 -0.74 0.82
N LYS B 43 -0.69 -1.25 0.77
CA LYS B 43 -1.44 -1.60 1.97
C LYS B 43 -0.87 -2.76 2.79
N GLY B 44 0.23 -3.35 2.33
CA GLY B 44 0.93 -4.36 3.11
C GLY B 44 0.70 -5.80 2.66
N LEU B 45 1.46 -6.72 3.23
CA LEU B 45 1.48 -8.10 2.78
C LEU B 45 0.31 -8.95 3.26
N GLU B 46 -0.20 -9.80 2.36
CA GLU B 46 -1.25 -10.75 2.67
C GLU B 46 -0.91 -12.11 2.06
N TRP B 47 -1.05 -13.17 2.85
CA TRP B 47 -0.75 -14.52 2.39
C TRP B 47 -1.96 -15.15 1.70
N VAL B 48 -1.73 -15.70 0.51
CA VAL B 48 -2.82 -16.23 -0.31
C VAL B 48 -2.94 -17.74 -0.20
N ALA B 49 -1.90 -18.45 -0.60
CA ALA B 49 -1.92 -19.91 -0.60
C ALA B 49 -0.50 -20.48 -0.58
N GLY B 50 -0.40 -21.77 -0.29
CA GLY B 50 0.89 -22.45 -0.27
C GLY B 50 0.76 -23.93 -0.54
N ILE B 51 1.82 -24.53 -1.05
CA ILE B 51 1.83 -25.95 -1.42
C ILE B 51 3.07 -26.66 -0.90
N SER B 52 2.89 -27.88 -0.39
CA SER B 52 4.00 -28.68 0.12
C SER B 52 4.90 -29.10 -1.05
N PHE B 53 6.13 -29.50 -0.74
CA PHE B 53 7.13 -29.74 -1.77
C PHE B 53 6.74 -30.89 -2.68
N ALA B 54 5.98 -31.85 -2.15
CA ALA B 54 5.54 -33.01 -2.92
C ALA B 54 4.24 -32.71 -3.67
N GLY B 55 3.55 -31.66 -3.25
CA GLY B 55 2.30 -31.27 -3.89
C GLY B 55 1.10 -31.95 -3.28
N ILE B 56 1.28 -32.53 -2.09
CA ILE B 56 0.22 -33.27 -1.43
C ILE B 56 -0.70 -32.38 -0.63
N LYS B 57 -0.13 -31.38 0.05
CA LYS B 57 -0.91 -30.47 0.89
C LYS B 57 -1.13 -29.13 0.22
N LYS B 58 -2.37 -28.65 0.26
CA LYS B 58 -2.73 -27.33 -0.23
C LYS B 58 -3.23 -26.48 0.94
N TYR B 59 -2.76 -25.25 1.02
CA TYR B 59 -3.23 -24.30 2.03
C TYR B 59 -3.79 -23.06 1.34
N TYR B 60 -4.88 -22.53 1.88
CA TYR B 60 -5.51 -21.32 1.31
C TYR B 60 -5.89 -20.32 2.39
N GLY B 61 -5.78 -19.03 2.05
CA GLY B 61 -6.23 -17.97 2.93
C GLY B 61 -7.73 -17.86 2.89
N THR B 62 -8.31 -17.29 3.95
CA THR B 62 -9.76 -17.21 4.08
C THR B 62 -10.39 -16.34 2.98
N SER B 63 -9.61 -15.40 2.45
CA SER B 63 -10.11 -14.49 1.43
C SER B 63 -10.27 -15.16 0.07
N VAL B 64 -9.55 -16.26 -0.14
CA VAL B 64 -9.48 -16.88 -1.47
C VAL B 64 -9.91 -18.35 -1.48
N LYS B 65 -10.02 -18.94 -0.30
CA LYS B 65 -10.36 -20.37 -0.21
C LYS B 65 -11.70 -20.66 -0.87
N GLY B 66 -11.69 -21.55 -1.85
CA GLY B 66 -12.88 -21.91 -2.59
C GLY B 66 -12.83 -21.35 -4.00
N ARG B 67 -12.24 -20.17 -4.15
CA ARG B 67 -12.15 -19.50 -5.44
C ARG B 67 -10.82 -19.79 -6.13
N PHE B 68 -9.73 -19.73 -5.37
CA PHE B 68 -8.39 -19.89 -5.94
C PHE B 68 -7.88 -21.32 -5.76
N THR B 69 -6.89 -21.67 -6.58
CA THR B 69 -6.36 -23.02 -6.63
C THR B 69 -4.88 -22.99 -6.95
N ILE B 70 -4.12 -23.90 -6.33
CA ILE B 70 -2.68 -24.00 -6.54
C ILE B 70 -2.27 -25.38 -7.02
N SER B 71 -1.14 -25.44 -7.72
CA SER B 71 -0.55 -26.70 -8.12
C SER B 71 0.89 -26.46 -8.57
N ARG B 72 1.59 -27.54 -8.87
CA ARG B 72 2.98 -27.43 -9.32
C ARG B 72 3.35 -28.55 -10.28
N ASP B 73 4.24 -28.24 -11.21
CA ASP B 73 4.76 -29.22 -12.16
C ASP B 73 6.28 -29.26 -12.04
N ASN B 74 6.79 -30.16 -11.21
CA ASN B 74 8.22 -30.24 -10.93
C ASN B 74 9.06 -30.49 -12.18
N SER B 75 8.43 -31.03 -13.22
CA SER B 75 9.14 -31.31 -14.46
C SER B 75 9.43 -30.01 -15.23
N LYS B 76 8.71 -28.95 -14.88
CA LYS B 76 8.86 -27.67 -15.56
C LYS B 76 9.35 -26.59 -14.61
N ASN B 77 9.61 -26.96 -13.36
CA ASN B 77 9.96 -26.00 -12.33
C ASN B 77 8.94 -24.86 -12.27
N ASN B 78 7.69 -25.20 -12.56
CA ASN B 78 6.61 -24.23 -12.52
C ASN B 78 5.75 -24.39 -11.28
N PHE B 79 4.93 -23.38 -11.03
CA PHE B 79 4.12 -23.31 -9.83
C PHE B 79 2.99 -22.33 -10.11
N TYR B 80 1.75 -22.82 -10.07
CA TYR B 80 0.61 -22.07 -10.59
C TYR B 80 -0.38 -21.63 -9.52
N LEU B 81 -1.04 -20.51 -9.78
CA LEU B 81 -2.18 -20.06 -8.99
C LEU B 81 -3.37 -19.80 -9.90
N GLN B 82 -4.35 -20.70 -9.88
CA GLN B 82 -5.55 -20.54 -10.68
C GLN B 82 -6.58 -19.69 -9.94
N MET B 83 -6.70 -18.44 -10.34
CA MET B 83 -7.65 -17.52 -9.73
C MET B 83 -8.99 -17.58 -10.46
N ASN B 84 -10.06 -17.83 -9.72
CA ASN B 84 -11.41 -17.85 -10.29
C ASN B 84 -12.34 -16.89 -9.56
N SER B 85 -13.41 -16.50 -10.25
CA SER B 85 -14.43 -15.61 -9.68
C SER B 85 -13.77 -14.36 -9.09
N LEU B 86 -12.91 -13.73 -9.88
CA LEU B 86 -12.12 -12.60 -9.40
C LEU B 86 -12.95 -11.47 -8.86
N ARG B 87 -12.51 -10.92 -7.74
CA ARG B 87 -13.17 -9.79 -7.09
C ARG B 87 -12.33 -8.53 -7.27
N VAL B 88 -12.98 -7.37 -7.22
CA VAL B 88 -12.28 -6.11 -7.35
C VAL B 88 -11.28 -5.94 -6.20
N GLU B 89 -11.55 -6.60 -5.08
CA GLU B 89 -10.69 -6.53 -3.91
C GLU B 89 -9.55 -7.56 -3.96
N ASP B 90 -9.45 -8.28 -5.07
CA ASP B 90 -8.31 -9.17 -5.29
C ASP B 90 -7.16 -8.42 -5.96
N THR B 91 -7.37 -7.15 -6.26
CA THR B 91 -6.36 -6.33 -6.89
C THR B 91 -5.13 -6.21 -6.00
N ALA B 92 -3.98 -6.63 -6.52
CA ALA B 92 -2.73 -6.59 -5.78
C ALA B 92 -1.54 -6.98 -6.65
N LEU B 93 -0.35 -6.76 -6.11
CA LEU B 93 0.87 -7.30 -6.70
C LEU B 93 1.11 -8.67 -6.10
N TYR B 94 1.16 -9.71 -6.95
CA TYR B 94 1.28 -11.08 -6.47
C TYR B 94 2.71 -11.60 -6.52
N TYR B 95 3.28 -11.87 -5.36
CA TYR B 95 4.60 -12.48 -5.24
C TYR B 95 4.48 -13.99 -5.10
N CYS B 96 5.39 -14.72 -5.75
CA CYS B 96 5.57 -16.14 -5.44
C CYS B 96 6.83 -16.26 -4.58
N ALA B 97 6.76 -17.07 -3.53
CA ALA B 97 7.88 -17.19 -2.59
C ALA B 97 8.16 -18.64 -2.22
N ARG B 98 9.45 -18.96 -2.10
CA ARG B 98 9.87 -20.32 -1.74
C ARG B 98 9.69 -20.57 -0.25
N ASP B 99 9.27 -21.78 0.09
CA ASP B 99 9.14 -22.18 1.49
C ASP B 99 10.52 -22.51 2.06
N LEU B 100 10.72 -22.16 3.32
CA LEU B 100 12.01 -22.28 3.97
C LEU B 100 12.50 -23.73 4.07
N ARG B 101 11.59 -24.65 4.39
CA ARG B 101 11.95 -26.02 4.71
C ARG B 101 12.37 -26.84 3.49
N GLU B 102 13.65 -27.19 3.45
CA GLU B 102 14.18 -28.09 2.41
C GLU B 102 13.95 -29.54 2.81
N LEU B 103 13.24 -30.28 1.96
CA LEU B 103 12.94 -31.68 2.23
C LEU B 103 13.38 -32.59 1.09
N GLU B 104 13.87 -33.78 1.46
CA GLU B 104 14.11 -34.84 0.50
C GLU B 104 12.96 -35.84 0.57
N CYS B 105 12.38 -36.13 -0.59
CA CYS B 105 11.28 -37.10 -0.67
C CYS B 105 11.73 -38.45 -0.14
N GLU B 106 10.82 -39.15 0.53
CA GLU B 106 11.11 -40.48 1.06
C GLU B 106 9.90 -41.38 0.86
N GLU B 107 9.20 -41.15 -0.25
CA GLU B 107 7.98 -41.91 -0.58
C GLU B 107 7.48 -41.50 -1.96
N TRP B 108 7.73 -42.36 -2.95
CA TRP B 108 7.31 -42.11 -4.32
C TRP B 108 6.18 -43.03 -4.75
N THR B 109 5.63 -42.75 -5.93
CA THR B 109 4.71 -43.65 -6.59
C THR B 109 5.45 -44.43 -7.68
N LEU B 110 5.45 -45.74 -7.57
CA LEU B 110 6.04 -46.60 -8.59
C LEU B 110 4.93 -47.13 -9.50
N ASN B 112 4.94 -48.81 -12.18
CA ASN B 112 5.08 -50.22 -12.58
C ASN B 112 6.26 -50.86 -11.86
N TYR B 114 8.73 -52.43 -12.40
CA TYR B 114 10.02 -52.60 -13.07
C TYR B 114 10.63 -51.25 -13.41
N ASP B 115 11.71 -50.89 -12.70
CA ASP B 115 12.39 -49.61 -12.92
C ASP B 115 13.69 -49.55 -12.12
N ARG B 119 9.14 -45.60 -11.81
CA ARG B 119 9.19 -44.44 -10.92
C ARG B 119 8.14 -43.41 -11.33
N GLY B 120 7.86 -42.47 -10.43
CA GLY B 120 6.84 -41.47 -10.67
C GLY B 120 6.86 -40.35 -9.66
N PRO B 121 5.73 -39.62 -9.54
CA PRO B 121 5.62 -38.45 -8.65
C PRO B 121 6.01 -38.72 -7.20
N CYS B 122 6.58 -37.72 -6.54
CA CYS B 122 6.82 -37.79 -5.11
C CYS B 122 5.48 -37.64 -4.40
N VAL B 123 5.34 -38.31 -3.25
CA VAL B 123 4.08 -38.34 -2.53
C VAL B 123 4.28 -38.15 -1.03
N ASP B 124 5.41 -37.56 -0.66
CA ASP B 124 5.73 -37.33 0.74
C ASP B 124 4.64 -36.46 1.39
N PRO B 125 4.00 -36.97 2.46
CA PRO B 125 2.86 -36.23 3.03
C PRO B 125 3.23 -34.87 3.65
N ARG B 126 4.48 -34.70 4.03
CA ARG B 126 4.95 -33.41 4.58
C ARG B 126 4.79 -32.34 3.51
N GLY B 127 4.70 -31.05 3.87
CA GLY B 127 4.80 -30.55 5.24
C GLY B 127 5.67 -29.31 5.24
N VAL B 128 5.06 -28.12 5.23
CA VAL B 128 5.79 -26.86 5.09
C VAL B 128 6.12 -26.19 6.42
N ALA B 129 7.04 -25.23 6.37
CA ALA B 129 7.45 -24.48 7.55
C ALA B 129 6.56 -23.27 7.77
N GLY B 130 6.27 -22.55 6.68
CA GLY B 130 5.45 -21.36 6.73
C GLY B 130 6.28 -20.09 6.80
N SER B 131 7.53 -20.18 6.36
CA SER B 131 8.42 -19.04 6.29
C SER B 131 9.03 -18.96 4.89
N PHE B 132 9.16 -17.75 4.38
CA PHE B 132 9.47 -17.53 2.96
C PHE B 132 10.86 -16.93 2.78
N ASP B 133 11.80 -17.75 2.32
CA ASP B 133 13.21 -17.36 2.27
C ASP B 133 13.69 -16.90 0.89
N VAL B 134 12.83 -17.02 -0.12
CA VAL B 134 13.14 -16.50 -1.45
C VAL B 134 11.88 -15.89 -2.05
N TRP B 135 12.03 -14.74 -2.70
CA TRP B 135 10.90 -14.01 -3.27
C TRP B 135 11.15 -13.63 -4.72
N GLY B 136 10.06 -13.56 -5.49
CA GLY B 136 10.13 -13.15 -6.88
C GLY B 136 9.93 -11.65 -7.03
N GLN B 137 9.86 -11.18 -8.27
CA GLN B 137 9.72 -9.75 -8.54
C GLN B 137 8.28 -9.30 -8.37
N GLY B 138 7.35 -10.24 -8.49
CA GLY B 138 5.93 -9.94 -8.38
C GLY B 138 5.31 -9.57 -9.71
N THR B 139 4.05 -9.98 -9.92
CA THR B 139 3.33 -9.64 -11.14
C THR B 139 1.99 -8.98 -10.80
N MET B 140 1.70 -7.87 -11.46
CA MET B 140 0.56 -7.04 -11.08
C MET B 140 -0.74 -7.57 -11.66
N VAL B 141 -1.76 -7.64 -10.81
CA VAL B 141 -3.08 -8.11 -11.20
C VAL B 141 -4.13 -7.09 -10.82
N THR B 142 -4.57 -6.30 -11.80
CA THR B 142 -5.61 -5.30 -11.58
C THR B 142 -6.97 -5.89 -11.93
N VAL B 143 -7.96 -5.64 -11.08
CA VAL B 143 -9.31 -6.14 -11.32
C VAL B 143 -10.31 -4.99 -11.40
N SER B 144 -10.83 -4.76 -12.60
CA SER B 144 -11.79 -3.68 -12.82
C SER B 144 -12.72 -4.00 -13.99
N SER B 145 -14.00 -3.67 -13.83
CA SER B 145 -14.99 -3.89 -14.88
C SER B 145 -15.11 -2.67 -15.79
N ALA B 146 -14.23 -1.69 -15.56
CA ALA B 146 -14.31 -0.41 -16.26
C ALA B 146 -13.70 -0.46 -17.66
N SER B 147 -14.32 0.27 -18.57
CA SER B 147 -13.74 0.56 -19.87
C SER B 147 -13.21 1.99 -19.83
N THR B 148 -12.52 2.41 -20.88
CA THR B 148 -11.90 3.74 -20.91
C THR B 148 -12.92 4.84 -20.64
N LYS B 149 -12.58 5.73 -19.72
CA LYS B 149 -13.45 6.87 -19.37
C LYS B 149 -12.62 8.10 -19.03
N GLY B 150 -13.12 9.26 -19.45
CA GLY B 150 -12.44 10.52 -19.19
C GLY B 150 -12.69 11.01 -17.78
N PRO B 151 -11.80 11.87 -17.27
CA PRO B 151 -11.92 12.35 -15.89
C PRO B 151 -12.88 13.52 -15.71
N SER B 152 -13.52 13.58 -14.56
CA SER B 152 -14.21 14.79 -14.12
C SER B 152 -13.25 15.57 -13.24
N VAL B 153 -12.94 16.81 -13.63
CA VAL B 153 -11.99 17.62 -12.89
C VAL B 153 -12.70 18.63 -12.00
N PHE B 154 -12.38 18.57 -10.71
CA PHE B 154 -12.98 19.46 -9.72
C PHE B 154 -11.92 20.28 -9.00
N PRO B 155 -12.26 21.52 -8.61
CA PRO B 155 -11.26 22.40 -7.99
C PRO B 155 -11.10 22.18 -6.49
N LEU B 156 -9.85 22.14 -6.04
CA LEU B 156 -9.55 22.19 -4.61
C LEU B 156 -9.17 23.63 -4.27
N ALA B 157 -10.19 24.45 -4.08
CA ALA B 157 -10.01 25.88 -3.96
C ALA B 157 -9.22 26.27 -2.71
N PRO B 158 -8.30 27.25 -2.85
CA PRO B 158 -7.56 27.70 -1.67
C PRO B 158 -8.44 28.47 -0.71
N SER B 159 -8.22 28.27 0.59
CA SER B 159 -9.01 28.91 1.63
C SER B 159 -8.13 29.21 2.84
N SER B 160 -8.75 29.71 3.90
CA SER B 160 -8.03 30.00 5.14
C SER B 160 -7.51 28.72 5.78
N LYS B 161 -8.13 27.59 5.44
CA LYS B 161 -7.74 26.30 6.00
C LYS B 161 -6.71 25.59 5.11
N SER B 162 -6.15 26.33 4.16
CA SER B 162 -5.09 25.80 3.30
C SER B 162 -3.89 26.75 3.23
N THR B 163 -4.02 27.91 3.85
CA THR B 163 -2.93 28.88 3.91
C THR B 163 -2.19 28.78 5.25
N SER B 164 -0.88 28.96 5.19
CA SER B 164 -0.04 28.87 6.38
C SER B 164 1.35 29.41 6.10
N GLY B 165 1.68 30.56 6.69
CA GLY B 165 2.99 31.15 6.55
C GLY B 165 3.17 31.92 5.26
N GLY B 166 2.09 32.50 4.78
CA GLY B 166 2.12 33.29 3.55
C GLY B 166 2.17 32.44 2.30
N THR B 167 1.93 31.14 2.47
CA THR B 167 1.91 30.19 1.36
C THR B 167 0.56 29.49 1.30
N ALA B 168 -0.16 29.73 0.20
CA ALA B 168 -1.47 29.15 -0.02
C ALA B 168 -1.36 27.83 -0.78
N ALA B 169 -2.23 26.88 -0.44
CA ALA B 169 -2.27 25.59 -1.11
C ALA B 169 -3.58 25.40 -1.87
N LEU B 170 -3.46 25.12 -3.17
CA LEU B 170 -4.61 24.86 -4.02
C LEU B 170 -4.30 23.72 -4.99
N GLY B 171 -5.34 23.08 -5.50
CA GLY B 171 -5.16 21.94 -6.38
C GLY B 171 -6.35 21.59 -7.25
N CYS B 172 -6.29 20.40 -7.84
CA CYS B 172 -7.35 19.90 -8.70
C CYS B 172 -7.64 18.44 -8.40
N LEU B 173 -8.91 18.15 -8.11
CA LEU B 173 -9.35 16.77 -7.91
C LEU B 173 -9.73 16.14 -9.24
N VAL B 174 -8.92 15.18 -9.68
CA VAL B 174 -9.17 14.45 -10.93
C VAL B 174 -9.87 13.13 -10.61
N LYS B 175 -11.19 13.12 -10.78
CA LYS B 175 -12.00 12.00 -10.30
C LYS B 175 -12.55 11.11 -11.41
N ASP B 176 -12.62 9.81 -11.13
CA ASP B 176 -13.30 8.83 -11.98
C ASP B 176 -12.79 8.78 -13.42
N TYR B 177 -11.60 8.20 -13.61
CA TYR B 177 -11.07 7.96 -14.95
C TYR B 177 -10.51 6.56 -15.05
N PHE B 178 -10.19 6.15 -16.28
CA PHE B 178 -9.68 4.81 -16.54
C PHE B 178 -9.26 4.74 -18.00
N PRO B 179 -8.13 4.06 -18.28
CA PRO B 179 -7.12 3.53 -17.35
C PRO B 179 -6.11 4.61 -16.99
N GLU B 180 -5.00 4.23 -16.38
CA GLU B 180 -3.91 5.16 -16.15
C GLU B 180 -3.16 5.40 -17.45
N PRO B 181 -2.36 6.47 -17.53
CA PRO B 181 -2.12 7.52 -16.52
C PRO B 181 -2.87 8.82 -16.80
N VAL B 182 -2.73 9.75 -15.86
CA VAL B 182 -3.18 11.12 -16.05
C VAL B 182 -2.04 12.05 -15.67
N THR B 183 -1.63 12.89 -16.61
CA THR B 183 -0.56 13.85 -16.36
C THR B 183 -1.15 15.24 -16.15
N VAL B 184 -0.76 15.89 -15.07
CA VAL B 184 -1.25 17.23 -14.74
C VAL B 184 -0.14 18.26 -14.83
N SER B 185 -0.49 19.46 -15.28
CA SER B 185 0.43 20.59 -15.32
C SER B 185 -0.29 21.82 -14.79
N TRP B 186 0.47 22.88 -14.53
CA TRP B 186 -0.10 24.13 -14.06
C TRP B 186 0.42 25.29 -14.89
N ASN B 187 -0.52 26.05 -15.47
CA ASN B 187 -0.19 27.16 -16.35
C ASN B 187 0.73 26.75 -17.50
N SER B 188 0.35 25.66 -18.16
CA SER B 188 1.06 25.17 -19.34
C SER B 188 2.52 24.83 -19.06
N GLY B 189 2.83 24.58 -17.79
CA GLY B 189 4.18 24.23 -17.38
C GLY B 189 5.00 25.44 -16.94
N ALA B 190 4.35 26.60 -16.85
CA ALA B 190 5.01 27.80 -16.36
C ALA B 190 5.21 27.72 -14.85
N LEU B 191 4.29 27.04 -14.18
CA LEU B 191 4.32 26.86 -12.74
C LEU B 191 4.71 25.42 -12.40
N THR B 192 5.93 25.23 -11.93
CA THR B 192 6.45 23.91 -11.58
C THR B 192 6.89 23.84 -10.12
N SER B 193 7.22 24.99 -9.54
CA SER B 193 7.67 25.06 -8.16
C SER B 193 6.51 24.89 -7.18
N GLY B 194 6.64 23.89 -6.31
CA GLY B 194 5.62 23.62 -5.30
C GLY B 194 4.56 22.65 -5.79
N VAL B 195 4.65 22.28 -7.06
CA VAL B 195 3.68 21.35 -7.65
C VAL B 195 3.98 19.92 -7.24
N HIS B 196 2.95 19.20 -6.80
CA HIS B 196 3.07 17.77 -6.54
C HIS B 196 1.79 17.05 -6.95
N THR B 197 1.93 16.05 -7.81
CA THR B 197 0.81 15.22 -8.22
C THR B 197 0.93 13.88 -7.51
N PHE B 198 -0.11 13.52 -6.76
CA PHE B 198 -0.09 12.32 -5.95
C PHE B 198 -0.37 11.07 -6.77
N PRO B 199 0.02 9.90 -6.24
CA PRO B 199 -0.34 8.63 -6.87
C PRO B 199 -1.84 8.48 -7.07
N ALA B 200 -2.24 7.72 -8.09
CA ALA B 200 -3.65 7.49 -8.36
C ALA B 200 -4.24 6.54 -7.32
N VAL B 201 -5.56 6.58 -7.20
CA VAL B 201 -6.28 5.76 -6.22
C VAL B 201 -7.39 4.98 -6.91
N LEU B 202 -7.35 3.66 -6.83
CA LEU B 202 -8.36 2.81 -7.45
C LEU B 202 -9.54 2.62 -6.51
N GLN B 203 -10.70 3.15 -6.91
CA GLN B 203 -11.92 3.06 -6.11
C GLN B 203 -12.62 1.74 -6.34
N SER B 204 -13.63 1.46 -5.51
CA SER B 204 -14.42 0.24 -5.63
C SER B 204 -15.27 0.29 -6.89
N SER B 205 -15.48 1.49 -7.42
CA SER B 205 -16.23 1.66 -8.66
C SER B 205 -15.48 1.06 -9.84
N GLY B 206 -14.16 0.96 -9.70
CA GLY B 206 -13.31 0.43 -10.75
C GLY B 206 -12.53 1.52 -11.47
N LEU B 207 -12.77 2.77 -11.07
CA LEU B 207 -12.13 3.92 -11.70
C LEU B 207 -11.02 4.51 -10.83
N TYR B 208 -10.06 5.15 -11.48
CA TYR B 208 -8.96 5.81 -10.77
C TYR B 208 -9.29 7.25 -10.42
N SER B 209 -8.62 7.77 -9.40
CA SER B 209 -8.70 9.18 -9.04
C SER B 209 -7.38 9.65 -8.46
N LEU B 210 -7.01 10.90 -8.75
CA LEU B 210 -5.83 11.49 -8.13
C LEU B 210 -6.00 12.98 -7.87
N SER B 211 -5.05 13.56 -7.15
CA SER B 211 -5.03 14.99 -6.88
C SER B 211 -3.69 15.59 -7.28
N SER B 212 -3.75 16.80 -7.80
CA SER B 212 -2.55 17.58 -8.07
C SER B 212 -2.65 18.89 -7.29
N VAL B 213 -1.68 19.12 -6.42
CA VAL B 213 -1.68 20.30 -5.56
C VAL B 213 -0.45 21.15 -5.82
N VAL B 214 -0.61 22.46 -5.67
CA VAL B 214 0.51 23.39 -5.82
C VAL B 214 0.47 24.41 -4.69
N THR B 215 1.65 24.84 -4.24
CA THR B 215 1.77 25.83 -3.19
C THR B 215 2.26 27.15 -3.76
N VAL B 216 1.61 28.25 -3.36
CA VAL B 216 1.89 29.56 -3.94
C VAL B 216 1.78 30.67 -2.89
N PRO B 217 2.38 31.83 -3.17
CA PRO B 217 2.23 33.02 -2.31
C PRO B 217 0.77 33.39 -2.09
N SER B 218 0.33 33.43 -0.84
CA SER B 218 -1.06 33.70 -0.52
C SER B 218 -1.51 35.07 -1.03
N SER B 219 -0.55 35.96 -1.28
CA SER B 219 -0.86 37.32 -1.73
C SER B 219 -1.15 37.38 -3.22
N SER B 220 -0.68 36.38 -3.96
CA SER B 220 -0.81 36.37 -5.42
C SER B 220 -2.20 35.92 -5.89
N LEU B 221 -2.98 35.35 -4.98
CA LEU B 221 -4.26 34.75 -5.35
C LEU B 221 -5.23 35.73 -6.00
N GLY B 222 -5.06 37.02 -5.73
CA GLY B 222 -5.97 38.03 -6.22
C GLY B 222 -5.57 38.62 -7.56
N THR B 223 -4.38 38.28 -8.03
CA THR B 223 -3.86 38.81 -9.29
C THR B 223 -3.42 37.70 -10.23
N GLN B 224 -2.67 36.74 -9.70
CA GLN B 224 -2.19 35.61 -10.50
C GLN B 224 -3.31 34.61 -10.72
N THR B 225 -3.30 34.00 -11.89
CA THR B 225 -4.31 33.02 -12.28
C THR B 225 -3.69 31.64 -12.37
N TYR B 226 -4.39 30.65 -11.80
CA TYR B 226 -3.87 29.28 -11.74
C TYR B 226 -4.79 28.29 -12.43
N ILE B 227 -4.32 27.74 -13.55
CA ILE B 227 -5.05 26.72 -14.30
C ILE B 227 -4.32 25.39 -14.22
N CYS B 228 -5.03 24.34 -13.80
CA CYS B 228 -4.46 23.00 -13.84
C CYS B 228 -4.82 22.35 -15.16
N ASN B 229 -3.81 21.72 -15.78
CA ASN B 229 -3.97 21.13 -17.10
C ASN B 229 -3.93 19.60 -17.02
N VAL B 230 -5.10 19.00 -16.82
CA VAL B 230 -5.22 17.56 -16.76
C VAL B 230 -5.22 16.98 -18.18
N ASN B 231 -4.53 15.86 -18.34
CA ASN B 231 -4.38 15.22 -19.65
C ASN B 231 -4.55 13.72 -19.53
N HIS B 232 -5.54 13.18 -20.24
CA HIS B 232 -5.83 11.75 -20.23
C HIS B 232 -5.89 11.21 -21.66
N LYS B 233 -4.73 10.81 -22.17
CA LYS B 233 -4.62 10.37 -23.56
C LYS B 233 -5.46 9.13 -23.90
N PRO B 234 -5.51 8.13 -22.99
CA PRO B 234 -6.36 6.95 -23.23
C PRO B 234 -7.78 7.28 -23.69
N SER B 235 -8.42 8.27 -23.07
CA SER B 235 -9.75 8.70 -23.48
C SER B 235 -9.68 9.96 -24.33
N ASN B 236 -8.46 10.38 -24.67
CA ASN B 236 -8.24 11.56 -25.48
C ASN B 236 -8.93 12.81 -24.91
N THR B 237 -8.59 13.15 -23.68
CA THR B 237 -9.21 14.28 -23.00
C THR B 237 -8.17 15.24 -22.43
N LYS B 238 -8.48 16.54 -22.54
CA LYS B 238 -7.66 17.60 -21.96
C LYS B 238 -8.57 18.60 -21.25
N VAL B 239 -8.60 18.55 -19.92
CA VAL B 239 -9.39 19.49 -19.14
C VAL B 239 -8.52 20.61 -18.61
N ASP B 240 -9.03 21.83 -18.64
CA ASP B 240 -8.37 22.98 -18.03
C ASP B 240 -9.30 23.65 -17.02
N LYS B 241 -8.96 23.50 -15.75
CA LYS B 241 -9.74 24.07 -14.66
C LYS B 241 -9.02 25.26 -14.04
N LYS B 242 -9.68 26.40 -14.02
CA LYS B 242 -9.16 27.60 -13.37
C LYS B 242 -9.59 27.59 -11.91
N VAL B 243 -8.62 27.45 -11.00
CA VAL B 243 -8.91 27.39 -9.58
C VAL B 243 -8.88 28.78 -8.96
N GLU B 244 -10.01 29.19 -8.38
CA GLU B 244 -10.11 30.48 -7.73
C GLU B 244 -10.25 30.29 -6.22
N PRO B 245 -9.87 31.30 -5.43
CA PRO B 245 -10.02 31.16 -3.98
C PRO B 245 -11.46 30.83 -3.56
N LYS B 246 -11.62 30.19 -2.40
CA LYS B 246 -12.95 29.91 -1.89
C LYS B 246 -13.78 31.18 -1.84
N SER B 247 -15.06 31.03 -2.13
CA SER B 247 -15.92 32.16 -2.44
C SER B 247 -16.14 32.98 -1.18
N CYS B 248 -16.68 32.30 -0.17
CA CYS B 248 -17.08 32.91 1.08
C CYS B 248 -16.09 32.53 2.18
N ASP B 249 -14.98 33.27 2.28
CA ASP B 249 -13.95 32.98 3.27
C ASP B 249 -13.43 34.27 3.89
N LYS B 250 -13.76 34.45 5.16
CA LYS B 250 -13.39 35.65 5.90
C LYS B 250 -11.92 35.59 6.28
N GLY B 251 -11.46 34.38 6.63
CA GLY B 251 -10.12 34.20 7.17
C GLY B 251 -9.01 34.28 6.14
N LEU B 252 -9.31 34.79 4.95
CA LEU B 252 -8.30 34.98 3.91
C LEU B 252 -8.61 36.20 3.07
N GLU B 253 -7.76 37.23 3.17
CA GLU B 253 -7.92 38.43 2.36
C GLU B 253 -7.36 38.19 0.97
N VAL B 254 -8.05 38.74 -0.02
CA VAL B 254 -7.64 38.61 -1.41
C VAL B 254 -7.81 39.95 -2.12
N LEU B 255 -6.86 40.28 -3.00
CA LEU B 255 -6.91 41.51 -3.75
C LEU B 255 -7.96 41.40 -4.86
N PHE B 256 -8.77 42.45 -5.01
CA PHE B 256 -9.76 42.53 -6.09
C PHE B 256 -10.80 41.43 -5.99
#